data_2IAI
#
_entry.id   2IAI
#
_cell.length_a   61.308
_cell.length_b   61.308
_cell.length_c   113.865
_cell.angle_alpha   90.00
_cell.angle_beta   90.00
_cell.angle_gamma   120.00
#
_symmetry.space_group_name_H-M   'P 32 2 1'
#
loop_
_entity.id
_entity.type
_entity.pdbx_description
1 polymer 'Putative transcriptional regulator SCO3833'
2 water water
#
_entity_poly.entity_id   1
_entity_poly.type   'polypeptide(L)'
_entity_poly.pdbx_seq_one_letter_code
;(MSE)GSSHHHHHHSSGRENLYFQG(MSE)TTAKRDTYTPETLLSVAVQVFIERGYDGTS(MSE)EHLSKAAGISKSSIY
HHVTGKEELLRRAVSRALDELFGILDEEHARVGTAAERLEYVVRR(MSE)VEVL(MSE)AELPYVTLLLRVRGNTGTERW
ALERRREFDHRVAALLKDAAAEGDVRADVEVRLATRLVFG(MSE)INSIVEWYRPEGPDGRSDASGASGVSGAGEREVVD
AVARLVFGGLRKAS
;
_entity_poly.pdbx_strand_id   A
#
# COMPACT_ATOMS: atom_id res chain seq x y z
N GLY A 13 29.91 -17.42 12.40
CA GLY A 13 30.27 -18.46 13.41
C GLY A 13 29.66 -18.07 14.74
N ARG A 14 29.95 -18.82 15.79
CA ARG A 14 29.45 -18.44 17.10
C ARG A 14 30.32 -17.30 17.63
N GLU A 15 29.70 -16.23 18.14
CA GLU A 15 30.45 -15.11 18.67
C GLU A 15 30.38 -15.14 20.19
N ASN A 16 31.53 -14.92 20.85
CA ASN A 16 31.60 -14.89 22.29
C ASN A 16 30.76 -13.71 22.75
N LEU A 17 29.88 -13.96 23.73
CA LEU A 17 29.08 -12.90 24.32
C LEU A 17 29.71 -12.21 25.51
N TYR A 18 30.88 -12.71 25.91
CA TYR A 18 31.56 -12.23 27.11
C TYR A 18 30.59 -12.19 28.30
N PHE A 19 29.96 -13.33 28.53
CA PHE A 19 29.11 -13.50 29.70
C PHE A 19 29.01 -14.96 30.05
N GLN A 20 29.76 -15.35 31.06
CA GLN A 20 29.69 -16.70 31.63
C GLN A 20 29.84 -17.78 30.54
N GLY A 21 30.75 -17.53 29.61
CA GLY A 21 30.98 -18.49 28.57
C GLY A 21 29.98 -18.60 27.45
N MSE A 22 28.89 -17.83 27.49
CA MSE A 22 27.84 -17.90 26.47
C MSE A 22 28.37 -17.39 25.14
O MSE A 22 29.27 -16.49 25.10
CB MSE A 22 26.65 -17.10 26.87
CG MSE A 22 25.96 -17.54 28.14
SE MSE A 22 24.33 -16.64 28.41
CE MSE A 22 24.20 -17.08 30.33
N THR A 23 27.80 -17.91 24.06
CA THR A 23 28.07 -17.44 22.71
C THR A 23 26.74 -17.23 21.98
N THR A 24 26.80 -16.54 20.82
CA THR A 24 25.69 -16.58 19.90
C THR A 24 25.66 -17.98 19.20
N ALA A 25 24.57 -18.24 18.49
CA ALA A 25 24.52 -19.31 17.51
C ALA A 25 24.90 -18.74 16.17
N LYS A 26 25.33 -19.59 15.23
CA LYS A 26 25.62 -19.08 13.87
C LYS A 26 24.36 -18.87 13.08
N THR A 31 16.64 -19.80 4.27
CA THR A 31 15.73 -18.67 3.99
C THR A 31 14.23 -19.08 4.15
N PRO A 32 13.68 -18.87 5.38
CA PRO A 32 12.31 -19.25 5.60
C PRO A 32 11.25 -18.30 4.99
N GLU A 33 11.65 -17.09 4.55
CA GLU A 33 10.69 -16.16 3.91
C GLU A 33 10.39 -16.69 2.51
N THR A 34 9.23 -16.32 1.94
CA THR A 34 8.86 -16.80 0.62
C THR A 34 9.66 -16.05 -0.44
N LEU A 35 9.72 -16.61 -1.65
CA LEU A 35 10.40 -15.90 -2.73
C LEU A 35 9.80 -14.51 -2.95
N LEU A 36 8.49 -14.43 -2.99
CA LEU A 36 7.86 -13.12 -3.12
C LEU A 36 8.26 -12.14 -2.04
N SER A 37 8.24 -12.55 -0.77
CA SER A 37 8.54 -11.61 0.28
C SER A 37 10.03 -11.16 0.18
N VAL A 38 10.93 -12.07 -0.20
CA VAL A 38 12.34 -11.72 -0.44
C VAL A 38 12.47 -10.69 -1.57
N ALA A 39 11.80 -10.99 -2.66
CA ALA A 39 11.84 -10.14 -3.83
C ALA A 39 11.32 -8.76 -3.51
N VAL A 40 10.21 -8.68 -2.79
CA VAL A 40 9.67 -7.37 -2.41
C VAL A 40 10.70 -6.57 -1.61
N GLN A 41 11.39 -7.23 -0.68
CA GLN A 41 12.41 -6.53 0.12
C GLN A 41 13.51 -5.96 -0.78
N VAL A 42 13.99 -6.75 -1.74
CA VAL A 42 15.06 -6.33 -2.66
C VAL A 42 14.57 -5.17 -3.52
N PHE A 43 13.33 -5.29 -4.03
CA PHE A 43 12.75 -4.25 -4.87
C PHE A 43 12.65 -2.91 -4.09
N ILE A 44 12.22 -2.95 -2.84
N ILE A 44 12.22 -3.00 -2.83
CA ILE A 44 12.16 -1.71 -2.05
CA ILE A 44 12.13 -1.85 -1.92
C ILE A 44 13.56 -1.14 -1.86
C ILE A 44 13.48 -1.18 -1.66
N GLU A 45 14.51 -2.00 -1.53
CA GLU A 45 15.87 -1.52 -1.29
C GLU A 45 16.54 -0.88 -2.50
N ARG A 46 16.45 -1.59 -3.63
CA ARG A 46 17.20 -1.31 -4.87
C ARG A 46 16.39 -0.55 -5.91
N GLY A 47 15.07 -0.52 -5.70
CA GLY A 47 14.13 -0.14 -6.77
C GLY A 47 13.94 -1.33 -7.73
N TYR A 48 12.74 -1.46 -8.30
CA TYR A 48 12.52 -2.51 -9.25
C TYR A 48 13.52 -2.50 -10.42
N ASP A 49 13.74 -1.36 -11.04
CA ASP A 49 14.57 -1.32 -12.26
C ASP A 49 16.00 -1.78 -11.98
N GLY A 50 16.48 -1.34 -10.82
CA GLY A 50 17.82 -1.59 -10.38
C GLY A 50 18.06 -2.96 -9.77
N THR A 51 17.00 -3.76 -9.65
CA THR A 51 17.13 -5.15 -9.20
C THR A 51 17.38 -6.10 -10.36
N SER A 52 18.43 -6.92 -10.20
CA SER A 52 18.74 -7.97 -11.15
C SER A 52 18.37 -9.35 -10.64
N MSE A 53 18.35 -10.32 -11.54
CA MSE A 53 18.11 -11.70 -11.16
C MSE A 53 19.20 -12.18 -10.23
O MSE A 53 18.93 -13.01 -9.35
CB MSE A 53 18.01 -12.60 -12.38
CG MSE A 53 16.73 -12.47 -13.17
SE MSE A 53 15.09 -12.37 -12.13
CE MSE A 53 15.10 -13.91 -11.31
N GLU A 54 20.43 -11.69 -10.44
CA GLU A 54 21.51 -12.07 -9.54
C GLU A 54 21.25 -11.57 -8.15
N HIS A 55 20.78 -10.34 -8.01
CA HIS A 55 20.42 -9.86 -6.66
C HIS A 55 19.41 -10.77 -6.02
N LEU A 56 18.35 -11.14 -6.78
CA LEU A 56 17.27 -11.95 -6.25
C LEU A 56 17.77 -13.34 -5.86
N SER A 57 18.60 -13.94 -6.71
CA SER A 57 19.19 -15.23 -6.41
C SER A 57 20.04 -15.17 -5.15
N LYS A 58 20.90 -14.15 -5.05
CA LYS A 58 21.78 -14.01 -3.88
C LYS A 58 20.95 -13.77 -2.63
N ALA A 59 19.89 -12.96 -2.73
CA ALA A 59 18.98 -12.71 -1.61
C ALA A 59 18.13 -13.93 -1.16
N ALA A 60 17.60 -14.71 -2.13
CA ALA A 60 16.76 -15.86 -1.79
C ALA A 60 17.65 -17.07 -1.46
N GLY A 61 18.93 -17.03 -1.83
CA GLY A 61 19.83 -18.15 -1.57
C GLY A 61 19.65 -19.38 -2.43
N ILE A 62 19.05 -19.20 -3.60
CA ILE A 62 18.84 -20.27 -4.57
C ILE A 62 19.29 -19.83 -5.94
N SER A 63 19.47 -20.81 -6.83
CA SER A 63 20.05 -20.51 -8.13
C SER A 63 19.06 -19.85 -9.08
N LYS A 64 19.60 -19.16 -10.08
CA LYS A 64 18.77 -18.61 -11.15
C LYS A 64 17.91 -19.69 -11.80
N SER A 65 18.51 -20.86 -12.05
CA SER A 65 17.74 -22.00 -12.57
C SER A 65 16.59 -22.38 -11.66
N SER A 66 16.88 -22.49 -10.37
CA SER A 66 15.87 -22.86 -9.37
C SER A 66 14.67 -21.90 -9.32
N ILE A 67 14.90 -20.61 -9.60
CA ILE A 67 13.82 -19.61 -9.56
C ILE A 67 12.75 -19.90 -10.63
N TYR A 68 13.14 -20.57 -11.71
CA TYR A 68 12.16 -20.97 -12.78
C TYR A 68 11.12 -22.00 -12.33
N HIS A 69 11.34 -22.66 -11.17
CA HIS A 69 10.28 -23.44 -10.61
C HIS A 69 9.12 -22.53 -10.13
N HIS A 70 9.40 -21.22 -10.03
CA HIS A 70 8.47 -20.26 -9.41
C HIS A 70 7.93 -19.18 -10.34
N VAL A 71 8.83 -18.54 -11.09
CA VAL A 71 8.52 -17.42 -11.94
C VAL A 71 9.45 -17.39 -13.16
N THR A 72 9.01 -16.64 -14.16
CA THR A 72 9.88 -16.38 -15.32
C THR A 72 10.96 -15.32 -15.09
N GLY A 73 10.79 -14.47 -14.07
CA GLY A 73 11.73 -13.40 -13.83
C GLY A 73 11.13 -12.37 -12.90
N LYS A 74 11.80 -11.22 -12.83
CA LYS A 74 11.38 -10.24 -11.82
C LYS A 74 10.07 -9.57 -12.16
N GLU A 75 9.71 -9.46 -13.42
CA GLU A 75 8.45 -8.75 -13.74
C GLU A 75 7.29 -9.53 -13.12
N GLU A 76 7.32 -10.86 -13.24
CA GLU A 76 6.27 -11.67 -12.65
C GLU A 76 6.18 -11.51 -11.13
N LEU A 77 7.32 -11.44 -10.46
CA LEU A 77 7.33 -11.15 -9.03
C LEU A 77 6.76 -9.76 -8.71
N LEU A 78 7.10 -8.77 -9.51
CA LEU A 78 6.48 -7.44 -9.32
C LEU A 78 4.98 -7.51 -9.51
N ARG A 79 4.56 -8.17 -10.57
CA ARG A 79 3.13 -8.35 -10.81
C ARG A 79 2.41 -8.93 -9.63
N ARG A 80 2.96 -10.03 -9.08
CA ARG A 80 2.36 -10.60 -7.89
C ARG A 80 2.25 -9.63 -6.72
N ALA A 81 3.29 -8.83 -6.53
CA ALA A 81 3.34 -7.83 -5.47
C ALA A 81 2.32 -6.74 -5.66
N VAL A 82 2.28 -6.14 -6.85
CA VAL A 82 1.34 -5.00 -7.05
C VAL A 82 -0.10 -5.50 -7.15
N SER A 83 -0.32 -6.71 -7.65
CA SER A 83 -1.63 -7.34 -7.66
C SER A 83 -2.14 -7.50 -6.21
N ARG A 84 -1.28 -7.89 -5.27
N ARG A 84 -1.28 -7.92 -5.25
CA ARG A 84 -1.73 -8.04 -3.90
CA ARG A 84 -1.69 -8.03 -3.84
C ARG A 84 -2.18 -6.68 -3.32
C ARG A 84 -2.21 -6.69 -3.35
N ALA A 85 -1.42 -5.63 -3.59
CA ALA A 85 -1.73 -4.26 -3.11
C ALA A 85 -3.05 -3.80 -3.76
N LEU A 86 -3.18 -3.99 -5.07
CA LEU A 86 -4.37 -3.49 -5.79
C LEU A 86 -5.58 -4.26 -5.31
N ASP A 87 -5.46 -5.57 -5.11
CA ASP A 87 -6.62 -6.35 -4.65
C ASP A 87 -7.13 -5.86 -3.32
N GLU A 88 -6.22 -5.49 -2.42
CA GLU A 88 -6.62 -4.99 -1.11
C GLU A 88 -7.26 -3.64 -1.21
N LEU A 89 -6.75 -2.74 -2.05
CA LEU A 89 -7.35 -1.43 -2.19
C LEU A 89 -8.71 -1.49 -2.88
N PHE A 90 -8.82 -2.14 -4.03
CA PHE A 90 -10.12 -2.34 -4.69
C PHE A 90 -11.08 -3.03 -3.81
N GLY A 91 -10.59 -3.99 -3.01
CA GLY A 91 -11.49 -4.73 -2.11
C GLY A 91 -12.26 -3.80 -1.23
N ILE A 92 -11.61 -2.74 -0.77
CA ILE A 92 -12.30 -1.76 0.11
C ILE A 92 -13.62 -1.24 -0.51
N LEU A 93 -13.61 -0.97 -1.81
CA LEU A 93 -14.68 -0.27 -2.43
C LEU A 93 -16.01 -1.04 -2.48
N ASP A 94 -15.94 -2.37 -2.41
CA ASP A 94 -17.14 -3.17 -2.34
C ASP A 94 -17.46 -3.80 -1.01
N GLU A 95 -16.75 -3.37 0.00
CA GLU A 95 -17.13 -3.75 1.36
C GLU A 95 -18.46 -3.03 1.71
N GLU A 96 -19.28 -3.67 2.54
CA GLU A 96 -20.61 -3.17 2.85
C GLU A 96 -20.62 -1.66 3.12
N HIS A 97 -19.80 -1.22 4.03
CA HIS A 97 -19.89 0.20 4.48
C HIS A 97 -19.29 1.20 3.50
N ALA A 98 -18.65 0.72 2.43
CA ALA A 98 -18.28 1.54 1.28
C ALA A 98 -19.41 1.66 0.27
N ARG A 99 -20.49 0.91 0.46
CA ARG A 99 -21.54 0.72 -0.53
C ARG A 99 -22.97 1.07 -0.02
N VAL A 100 -23.11 1.33 1.27
CA VAL A 100 -24.39 1.70 1.88
C VAL A 100 -24.23 2.97 2.69
N GLY A 101 -25.36 3.59 3.03
CA GLY A 101 -25.34 4.86 3.77
C GLY A 101 -25.15 6.01 2.83
N THR A 102 -24.96 7.19 3.39
CA THR A 102 -24.73 8.37 2.60
C THR A 102 -23.37 8.31 1.90
N ALA A 103 -23.18 9.13 0.85
CA ALA A 103 -21.95 9.16 0.15
C ALA A 103 -20.82 9.57 1.10
N ALA A 104 -21.11 10.48 2.03
CA ALA A 104 -20.03 10.94 2.94
C ALA A 104 -19.68 9.86 3.95
N GLU A 105 -20.69 9.04 4.36
CA GLU A 105 -20.40 7.87 5.22
C GLU A 105 -19.52 6.88 4.47
N ARG A 106 -19.84 6.61 3.21
CA ARG A 106 -19.06 5.66 2.41
CA ARG A 106 -19.07 5.66 2.41
C ARG A 106 -17.66 6.20 2.24
N LEU A 107 -17.55 7.50 1.94
CA LEU A 107 -16.20 8.10 1.74
C LEU A 107 -15.33 7.98 2.97
N GLU A 108 -15.91 8.33 4.12
CA GLU A 108 -15.17 8.23 5.38
C GLU A 108 -14.73 6.80 5.66
N TYR A 109 -15.60 5.84 5.42
CA TYR A 109 -15.22 4.45 5.59
C TYR A 109 -14.03 4.09 4.67
N VAL A 110 -14.14 4.48 3.39
CA VAL A 110 -13.08 4.23 2.42
C VAL A 110 -11.76 4.83 2.89
N VAL A 111 -11.78 6.08 3.33
CA VAL A 111 -10.53 6.74 3.80
C VAL A 111 -9.90 5.96 4.97
N ARG A 112 -10.72 5.61 5.98
N ARG A 112 -10.73 5.60 5.96
CA ARG A 112 -10.23 4.82 7.12
CA ARG A 112 -10.25 4.85 7.13
C ARG A 112 -9.60 3.52 6.67
C ARG A 112 -9.63 3.51 6.70
N ARG A 113 -10.30 2.80 5.80
CA ARG A 113 -9.81 1.52 5.30
C ARG A 113 -8.55 1.66 4.48
N MSE A 114 -8.42 2.75 3.73
CA MSE A 114 -7.19 2.95 2.93
C MSE A 114 -6.01 3.05 3.89
O MSE A 114 -4.93 2.50 3.62
CB MSE A 114 -7.29 4.19 2.07
CG MSE A 114 -8.20 4.03 0.82
SE MSE A 114 -8.30 5.66 -0.19
CE MSE A 114 -6.43 5.75 -0.56
N VAL A 115 -6.21 3.76 4.99
CA VAL A 115 -5.13 3.83 5.99
C VAL A 115 -4.79 2.43 6.56
N GLU A 116 -5.82 1.67 6.92
CA GLU A 116 -5.62 0.33 7.42
C GLU A 116 -4.85 -0.55 6.43
N VAL A 117 -5.24 -0.50 5.16
CA VAL A 117 -4.57 -1.32 4.14
C VAL A 117 -3.13 -0.90 3.92
N LEU A 118 -2.87 0.39 3.87
N LEU A 118 -2.89 0.40 3.84
CA LEU A 118 -1.51 0.87 3.68
CA LEU A 118 -1.52 0.92 3.72
C LEU A 118 -0.59 0.43 4.82
C LEU A 118 -0.66 0.30 4.79
N MSE A 119 -1.11 0.40 6.05
CA MSE A 119 -0.27 -0.09 7.17
C MSE A 119 -0.06 -1.62 7.06
O MSE A 119 1.05 -2.10 7.27
CB MSE A 119 -0.89 0.27 8.51
CG MSE A 119 -0.89 1.76 8.75
SE MSE A 119 -1.55 2.39 10.47
CE MSE A 119 -3.34 1.72 10.25
N ALA A 120 -1.14 -2.35 6.78
CA ALA A 120 -1.12 -3.80 6.80
C ALA A 120 -0.29 -4.36 5.65
N GLU A 121 -0.40 -3.70 4.50
CA GLU A 121 0.28 -4.15 3.26
C GLU A 121 1.42 -3.23 2.86
N LEU A 122 2.06 -2.57 3.84
CA LEU A 122 2.99 -1.51 3.59
C LEU A 122 4.03 -1.74 2.45
N PRO A 123 4.72 -2.89 2.47
CA PRO A 123 5.73 -3.06 1.38
C PRO A 123 5.13 -3.16 -0.02
N TYR A 124 3.97 -3.78 -0.11
CA TYR A 124 3.28 -4.01 -1.39
C TYR A 124 2.74 -2.69 -1.89
N VAL A 125 2.13 -1.95 -0.99
CA VAL A 125 1.59 -0.64 -1.36
C VAL A 125 2.70 0.30 -1.71
N THR A 126 3.83 0.23 -0.99
CA THR A 126 4.99 1.03 -1.32
C THR A 126 5.46 0.76 -2.78
N LEU A 127 5.60 -0.51 -3.17
CA LEU A 127 5.98 -0.81 -4.52
C LEU A 127 4.96 -0.29 -5.58
N LEU A 128 3.67 -0.42 -5.27
CA LEU A 128 2.63 0.00 -6.17
C LEU A 128 2.83 1.52 -6.38
N LEU A 129 3.02 2.23 -5.29
CA LEU A 129 3.19 3.69 -5.39
C LEU A 129 4.42 4.13 -6.16
N ARG A 130 5.45 3.29 -6.21
CA ARG A 130 6.73 3.55 -6.86
C ARG A 130 6.78 3.23 -8.34
N VAL A 131 5.76 2.49 -8.82
CA VAL A 131 5.75 2.10 -10.21
C VAL A 131 5.83 3.32 -11.12
N ARG A 132 6.84 3.34 -11.97
CA ARG A 132 7.09 4.49 -12.88
C ARG A 132 7.79 3.92 -14.03
N GLY A 133 7.25 2.83 -14.55
CA GLY A 133 7.92 2.13 -15.65
C GLY A 133 6.96 1.85 -16.79
N ASN A 134 7.54 1.23 -17.80
CA ASN A 134 6.87 0.96 -19.06
C ASN A 134 6.85 -0.52 -19.32
N THR A 135 7.07 -1.40 -18.33
CA THR A 135 6.76 -2.82 -18.60
C THR A 135 5.24 -2.94 -18.69
N GLY A 136 4.78 -4.04 -19.29
CA GLY A 136 3.34 -4.29 -19.34
C GLY A 136 2.72 -4.30 -17.96
N THR A 137 3.41 -4.96 -17.01
CA THR A 137 2.93 -5.02 -15.63
C THR A 137 2.78 -3.63 -15.03
N GLU A 138 3.81 -2.80 -15.20
CA GLU A 138 3.78 -1.42 -14.66
C GLU A 138 2.67 -0.61 -15.27
N ARG A 139 2.51 -0.70 -16.59
N ARG A 139 2.54 -0.71 -16.60
CA ARG A 139 1.43 0.05 -17.21
CA ARG A 139 1.46 -0.02 -17.33
C ARG A 139 0.05 -0.42 -16.73
C ARG A 139 0.07 -0.44 -16.81
N TRP A 140 -0.08 -1.72 -16.54
CA TRP A 140 -1.33 -2.27 -15.97
C TRP A 140 -1.60 -1.75 -14.60
N ALA A 141 -0.59 -1.82 -13.74
CA ALA A 141 -0.69 -1.33 -12.36
C ALA A 141 -1.04 0.16 -12.34
N LEU A 142 -0.48 0.95 -13.24
CA LEU A 142 -0.83 2.41 -13.33
C LEU A 142 -2.28 2.60 -13.77
N GLU A 143 -2.73 1.82 -14.76
N GLU A 143 -2.74 1.80 -14.71
CA GLU A 143 -4.16 1.81 -15.19
CA GLU A 143 -4.12 1.88 -15.16
C GLU A 143 -5.07 1.54 -14.02
C GLU A 143 -5.10 1.50 -14.07
N ARG A 144 -4.77 0.47 -13.29
CA ARG A 144 -5.58 0.07 -12.14
CA ARG A 144 -5.62 0.10 -12.15
C ARG A 144 -5.62 1.16 -11.08
N ARG A 145 -4.48 1.77 -10.80
N ARG A 145 -4.47 1.77 -10.82
CA ARG A 145 -4.42 2.87 -9.79
CA ARG A 145 -4.37 2.91 -9.90
C ARG A 145 -5.25 4.09 -10.22
C ARG A 145 -5.31 4.04 -10.36
N ARG A 146 -5.26 4.38 -11.52
N ARG A 146 -5.15 4.48 -11.61
CA ARG A 146 -6.02 5.50 -12.01
CA ARG A 146 -6.02 5.50 -12.16
C ARG A 146 -7.52 5.19 -11.91
C ARG A 146 -7.50 5.16 -11.89
N GLU A 147 -7.89 3.93 -12.17
CA GLU A 147 -9.28 3.50 -12.00
C GLU A 147 -9.73 3.65 -10.54
N PHE A 148 -8.87 3.24 -9.62
CA PHE A 148 -9.16 3.35 -8.17
C PHE A 148 -9.36 4.82 -7.84
N ASP A 149 -8.44 5.68 -8.30
N ASP A 149 -8.49 5.69 -8.33
CA ASP A 149 -8.53 7.14 -8.12
CA ASP A 149 -8.62 7.11 -8.04
C ASP A 149 -9.91 7.61 -8.56
C ASP A 149 -9.92 7.74 -8.62
N HIS A 150 -10.32 7.26 -9.81
CA HIS A 150 -11.56 7.69 -10.39
C HIS A 150 -12.73 7.31 -9.51
N ARG A 151 -12.66 6.10 -8.94
N ARG A 151 -12.72 6.09 -8.96
CA ARG A 151 -13.74 5.58 -8.13
CA ARG A 151 -13.87 5.63 -8.18
C ARG A 151 -13.92 6.43 -6.90
C ARG A 151 -13.95 6.36 -6.83
N VAL A 152 -12.80 6.68 -6.21
CA VAL A 152 -12.85 7.46 -4.99
C VAL A 152 -13.27 8.90 -5.28
N ALA A 153 -12.77 9.48 -6.38
CA ALA A 153 -13.19 10.83 -6.75
C ALA A 153 -14.70 10.89 -6.97
N ALA A 154 -15.28 9.80 -7.51
CA ALA A 154 -16.75 9.78 -7.72
C ALA A 154 -17.50 9.74 -6.39
N LEU A 155 -16.95 9.05 -5.41
CA LEU A 155 -17.55 9.07 -4.06
C LEU A 155 -17.54 10.48 -3.48
N LEU A 156 -16.45 11.19 -3.66
CA LEU A 156 -16.35 12.55 -3.13
C LEU A 156 -17.33 13.47 -3.88
N LYS A 157 -17.43 13.31 -5.20
CA LYS A 157 -18.40 14.04 -6.00
C LYS A 157 -19.83 13.81 -5.51
N ASP A 158 -20.14 12.54 -5.21
CA ASP A 158 -21.45 12.22 -4.67
C ASP A 158 -21.70 12.88 -3.33
N ALA A 159 -20.69 12.88 -2.47
CA ALA A 159 -20.85 13.52 -1.16
C ALA A 159 -21.04 15.04 -1.28
N ALA A 160 -20.36 15.67 -2.24
CA ALA A 160 -20.52 17.11 -2.51
C ALA A 160 -22.01 17.37 -2.96
N ALA A 161 -22.48 16.51 -3.85
CA ALA A 161 -23.86 16.62 -4.36
C ALA A 161 -24.89 16.48 -3.26
N GLU A 162 -24.63 15.62 -2.28
CA GLU A 162 -25.53 15.38 -1.16
C GLU A 162 -25.46 16.46 -0.09
N GLY A 163 -24.49 17.36 -0.25
CA GLY A 163 -24.31 18.54 0.56
C GLY A 163 -23.47 18.32 1.77
N ASP A 164 -22.81 17.17 1.82
CA ASP A 164 -22.05 16.75 3.00
C ASP A 164 -20.59 17.12 2.90
N VAL A 165 -20.08 17.31 1.69
CA VAL A 165 -18.69 17.73 1.42
C VAL A 165 -18.74 19.12 0.76
N ARG A 166 -17.76 19.97 1.10
CA ARG A 166 -17.74 21.39 0.73
C ARG A 166 -17.61 21.53 -0.80
N ALA A 167 -18.13 22.62 -1.31
CA ALA A 167 -18.15 22.89 -2.76
C ALA A 167 -17.07 23.82 -3.27
N ASP A 168 -16.28 24.41 -2.37
CA ASP A 168 -15.28 25.40 -2.73
C ASP A 168 -13.88 24.84 -2.99
N VAL A 169 -13.78 23.51 -3.07
CA VAL A 169 -12.52 22.85 -3.52
C VAL A 169 -12.91 21.90 -4.63
N GLU A 170 -12.20 21.94 -5.74
CA GLU A 170 -12.52 21.04 -6.82
C GLU A 170 -12.37 19.59 -6.33
N VAL A 171 -13.35 18.76 -6.71
CA VAL A 171 -13.40 17.38 -6.27
C VAL A 171 -12.12 16.61 -6.59
N ARG A 172 -11.57 16.77 -7.78
N ARG A 172 -11.63 16.79 -7.82
CA ARG A 172 -10.39 15.96 -8.07
CA ARG A 172 -10.44 16.07 -8.26
C ARG A 172 -9.12 16.46 -7.42
C ARG A 172 -9.18 16.47 -7.47
N LEU A 173 -9.10 17.76 -7.14
CA LEU A 173 -7.98 18.30 -6.37
C LEU A 173 -8.07 17.86 -4.95
N ALA A 174 -9.26 17.95 -4.34
CA ALA A 174 -9.43 17.43 -3.00
C ALA A 174 -9.02 15.95 -2.91
N THR A 175 -9.43 15.18 -3.89
CA THR A 175 -9.14 13.75 -3.84
C THR A 175 -7.62 13.52 -3.93
N ARG A 176 -6.95 14.25 -4.83
CA ARG A 176 -5.49 14.16 -4.98
C ARG A 176 -4.75 14.49 -3.70
N LEU A 177 -5.20 15.56 -3.05
CA LEU A 177 -4.56 15.99 -1.78
C LEU A 177 -4.79 14.99 -0.63
N VAL A 178 -6.03 14.48 -0.51
CA VAL A 178 -6.36 13.51 0.49
C VAL A 178 -5.52 12.24 0.25
N PHE A 179 -5.41 11.79 -1.00
CA PHE A 179 -4.53 10.62 -1.30
C PHE A 179 -3.10 10.92 -0.93
N GLY A 180 -2.64 12.17 -1.17
CA GLY A 180 -1.28 12.54 -0.77
C GLY A 180 -1.07 12.36 0.71
N MSE A 181 -2.03 12.81 1.51
CA MSE A 181 -1.95 12.63 2.93
C MSE A 181 -1.88 11.17 3.30
O MSE A 181 -0.99 10.75 4.08
CB MSE A 181 -3.08 13.34 3.66
CG MSE A 181 -3.05 13.19 5.18
SE MSE A 181 -4.54 14.07 6.10
CE MSE A 181 -3.89 15.85 6.07
N ILE A 182 -2.83 10.38 2.77
CA ILE A 182 -2.86 8.96 3.08
C ILE A 182 -1.57 8.25 2.65
N ASN A 183 -1.18 8.43 1.39
CA ASN A 183 -0.06 7.71 0.84
C ASN A 183 1.26 8.05 1.52
N SER A 184 1.35 9.22 2.13
CA SER A 184 2.55 9.65 2.86
C SER A 184 2.92 8.72 3.99
N ILE A 185 1.94 7.98 4.47
CA ILE A 185 2.09 7.11 5.61
C ILE A 185 3.15 6.05 5.32
N VAL A 186 3.33 5.65 4.05
CA VAL A 186 4.37 4.64 3.75
C VAL A 186 5.77 5.15 4.10
N GLU A 187 5.98 6.49 4.16
CA GLU A 187 7.28 7.05 4.40
C GLU A 187 7.68 6.97 5.86
N TRP A 188 6.66 7.13 6.75
CA TRP A 188 6.93 7.37 8.18
C TRP A 188 6.45 6.28 9.14
N TYR A 189 5.48 5.48 8.73
CA TYR A 189 4.84 4.51 9.62
C TYR A 189 5.67 3.28 9.75
N ARG A 190 5.91 2.86 11.01
CA ARG A 190 6.53 1.61 11.33
C ARG A 190 5.62 0.95 12.37
N PRO A 191 5.29 -0.32 12.14
CA PRO A 191 4.52 -0.95 13.17
C PRO A 191 5.36 -1.19 14.42
N GLU A 192 4.72 -1.13 15.58
CA GLU A 192 5.26 -1.78 16.81
C GLU A 192 5.00 -3.27 16.71
N SER A 204 -5.09 1.84 25.76
CA SER A 204 -5.20 0.73 26.68
C SER A 204 -5.58 -0.62 26.02
N GLY A 205 -5.90 -0.61 24.71
CA GLY A 205 -6.18 -1.85 23.98
C GLY A 205 -4.92 -2.71 24.00
N VAL A 206 -5.05 -4.05 23.97
CA VAL A 206 -3.83 -4.90 24.08
C VAL A 206 -2.98 -4.80 22.83
N SER A 207 -3.59 -4.65 21.68
CA SER A 207 -2.83 -4.45 20.46
C SER A 207 -3.57 -3.50 19.55
N GLY A 208 -2.82 -2.89 18.65
CA GLY A 208 -3.39 -2.08 17.57
C GLY A 208 -3.70 -0.63 17.89
N ALA A 209 -3.33 -0.16 19.09
CA ALA A 209 -3.60 1.23 19.50
C ALA A 209 -2.93 2.23 18.59
N GLY A 210 -1.68 1.97 18.21
CA GLY A 210 -1.02 2.93 17.33
C GLY A 210 -1.65 3.03 15.95
N GLU A 211 -2.11 1.88 15.45
CA GLU A 211 -2.80 1.80 14.18
C GLU A 211 -4.13 2.57 14.23
N ARG A 212 -4.91 2.33 15.27
CA ARG A 212 -6.16 3.01 15.44
C ARG A 212 -5.94 4.51 15.51
N GLU A 213 -4.86 4.91 16.15
CA GLU A 213 -4.59 6.34 16.35
C GLU A 213 -4.41 6.98 15.00
N VAL A 214 -3.65 6.32 14.12
CA VAL A 214 -3.39 6.90 12.77
C VAL A 214 -4.67 6.98 11.97
N VAL A 215 -5.45 5.91 11.98
CA VAL A 215 -6.71 5.91 11.24
C VAL A 215 -7.64 7.00 11.71
N ASP A 216 -7.80 7.13 13.03
CA ASP A 216 -8.65 8.16 13.61
C ASP A 216 -8.20 9.56 13.27
N ALA A 217 -6.91 9.80 13.33
CA ALA A 217 -6.32 11.11 13.03
C ALA A 217 -6.55 11.46 11.59
N VAL A 218 -6.31 10.51 10.68
CA VAL A 218 -6.49 10.81 9.26
C VAL A 218 -7.94 11.13 9.03
N ALA A 219 -8.85 10.31 9.59
CA ALA A 219 -10.28 10.60 9.38
C ALA A 219 -10.64 11.99 9.88
N ARG A 220 -10.16 12.33 11.05
CA ARG A 220 -10.46 13.66 11.66
C ARG A 220 -9.94 14.81 10.83
N LEU A 221 -8.70 14.70 10.41
CA LEU A 221 -8.11 15.76 9.60
C LEU A 221 -8.67 15.85 8.23
N VAL A 222 -8.93 14.71 7.56
CA VAL A 222 -9.53 14.75 6.25
C VAL A 222 -10.91 15.44 6.26
N PHE A 223 -11.76 15.10 7.25
CA PHE A 223 -13.14 15.60 7.26
C PHE A 223 -13.31 16.93 7.95
N GLY A 224 -12.52 17.15 9.00
CA GLY A 224 -12.62 18.41 9.80
C GLY A 224 -11.40 19.29 9.81
N GLY A 225 -10.26 18.86 9.30
CA GLY A 225 -9.08 19.72 9.29
C GLY A 225 -8.55 19.99 10.69
N LEU A 226 -7.67 20.97 10.83
CA LEU A 226 -7.04 21.25 12.10
C LEU A 226 -7.88 22.14 13.02
N ARG A 227 -8.78 22.94 12.47
CA ARG A 227 -9.43 23.97 13.28
C ARG A 227 -10.33 23.40 14.33
N LYS A 228 -10.31 24.01 15.53
CA LYS A 228 -11.28 23.66 16.56
C LYS A 228 -12.73 23.99 16.08
#